data_3FXX
#
_entry.id   3FXX
#
_cell.length_a   53.463
_cell.length_b   38.201
_cell.length_c   76.649
_cell.angle_alpha   90.000
_cell.angle_beta   102.150
_cell.angle_gamma   90.000
#
_symmetry.space_group_name_H-M   'P 1 21 1'
#
loop_
_entity.id
_entity.type
_entity.pdbx_description
1 polymer 'Ephrin type-A receptor 3'
2 polymer 'peptide substrate'
3 non-polymer 'MAGNESIUM ION'
4 non-polymer 'PHOSPHOAMINOPHOSPHONIC ACID-ADENYLATE ESTER'
5 water water
#
loop_
_entity_poly.entity_id
_entity_poly.type
_entity_poly.pdbx_seq_one_letter_code
_entity_poly.pdbx_strand_id
1 'polypeptide(L)'
;DEKRLHFGNGHLKLPGLRTYVDPHTYEDPTQTVHEFAKELDATNISIDKVVGAGEFGEVCSGRLKLPSKKEISVAIKTLK
VGYTEKQRRDFLGEASIMGQFDHPNIIRLEGVVTKSKPVMIVTEYMENGSLDSFLRKHDAQFTVIQLVGMLRGIASGMKY
LSDMGYVHRDLAARNILINSNLVCKVSDFGLSRVLEDDPEAAYTTRGGKIPIRWTSPEAIAYRKFTSASDVWSYGIVLWE
VMSYGERPYWEMSNQDVIKAVDEGYRLPPPMDCPAALYQLMLDCWQKDRNNRPKFEQIVSILDKLIRNPGSLKIITSAAA
RPSNLLLDQSNVDITTFRTTGDWLNGVWTAHCKEIFTGVEYSSCDTIAKIS
;
A
2 'polypeptide(L)' KQWDNYE(PTR)IW B
#
loop_
_chem_comp.id
_chem_comp.type
_chem_comp.name
_chem_comp.formula
ANP non-polymer 'PHOSPHOAMINOPHOSPHONIC ACID-ADENYLATE ESTER' 'C10 H17 N6 O12 P3'
MG non-polymer 'MAGNESIUM ION' 'Mg 2'
#
# COMPACT_ATOMS: atom_id res chain seq x y z
N THR A 30 -17.72 -19.22 -1.56
CA THR A 30 -16.72 -20.21 -1.06
C THR A 30 -16.60 -20.13 0.46
N GLN A 31 -16.32 -21.27 1.08
CA GLN A 31 -16.20 -21.35 2.54
C GLN A 31 -14.97 -20.61 3.06
N THR A 32 -13.86 -20.72 2.35
CA THR A 32 -12.61 -20.06 2.73
C THR A 32 -12.82 -18.59 3.13
N VAL A 33 -13.54 -17.85 2.29
CA VAL A 33 -13.78 -16.42 2.53
C VAL A 33 -14.78 -16.17 3.69
N HIS A 34 -15.72 -17.08 3.88
CA HIS A 34 -16.76 -16.87 4.91
C HIS A 34 -16.28 -17.01 6.34
N GLU A 35 -15.05 -17.48 6.53
CA GLU A 35 -14.42 -17.45 7.85
C GLU A 35 -14.17 -16.00 8.29
N PHE A 36 -13.85 -15.14 7.33
CA PHE A 36 -13.45 -13.76 7.62
C PHE A 36 -14.24 -12.68 6.87
N ALA A 37 -15.34 -13.07 6.22
CA ALA A 37 -16.16 -12.13 5.46
C ALA A 37 -17.64 -12.43 5.68
N LYS A 38 -18.40 -11.39 5.99
CA LYS A 38 -19.85 -11.50 6.08
C LYS A 38 -20.46 -11.63 4.69
N GLU A 39 -21.47 -12.50 4.56
CA GLU A 39 -22.24 -12.58 3.31
C GLU A 39 -23.30 -11.49 3.35
N LEU A 40 -23.24 -10.58 2.39
CA LEU A 40 -24.15 -9.46 2.33
C LEU A 40 -25.37 -9.80 1.47
N ASP A 41 -26.50 -9.19 1.84
CA ASP A 41 -27.74 -9.28 1.08
C ASP A 41 -27.65 -8.18 0.05
N ALA A 42 -27.72 -8.54 -1.24
CA ALA A 42 -27.57 -7.57 -2.34
C ALA A 42 -28.63 -6.47 -2.39
N THR A 43 -29.77 -6.70 -1.74
CA THR A 43 -30.81 -5.67 -1.63
C THR A 43 -30.36 -4.47 -0.79
N ASN A 44 -29.33 -4.69 0.03
CA ASN A 44 -28.75 -3.64 0.87
C ASN A 44 -27.62 -2.86 0.21
N ILE A 45 -27.28 -3.24 -1.02
CA ILE A 45 -26.20 -2.61 -1.79
C ILE A 45 -26.79 -1.80 -2.94
N SER A 46 -26.41 -0.53 -3.06
CA SER A 46 -26.78 0.26 -4.23
C SER A 46 -25.50 0.74 -4.91
N ILE A 47 -25.54 0.76 -6.24
CA ILE A 47 -24.39 1.12 -7.03
C ILE A 47 -24.62 2.51 -7.59
N ASP A 48 -23.61 3.36 -7.48
CA ASP A 48 -23.71 4.74 -7.95
C ASP A 48 -23.04 4.95 -9.31
N LYS A 49 -21.75 4.67 -9.39
CA LYS A 49 -21.00 4.84 -10.64
C LYS A 49 -19.67 4.10 -10.63
N VAL A 50 -19.13 3.89 -11.83
CA VAL A 50 -17.83 3.24 -11.97
C VAL A 50 -16.77 4.25 -11.56
N VAL A 51 -15.78 3.80 -10.79
CA VAL A 51 -14.64 4.62 -10.41
C VAL A 51 -13.29 4.01 -10.76
N GLY A 52 -13.29 2.81 -11.33
CA GLY A 52 -12.04 2.14 -11.66
C GLY A 52 -12.24 0.78 -12.28
N ALA A 53 -11.13 0.13 -12.57
CA ALA A 53 -11.15 -1.19 -13.18
C ALA A 53 -9.94 -1.94 -12.64
N GLY A 54 -10.11 -3.22 -12.37
CA GLY A 54 -9.02 -4.05 -11.87
C GLY A 54 -8.78 -5.26 -12.73
N GLU A 55 -7.88 -6.12 -12.24
CA GLU A 55 -7.61 -7.41 -12.86
C GLU A 55 -8.89 -8.23 -13.05
N PHE A 56 -9.82 -8.13 -12.10
CA PHE A 56 -10.95 -9.06 -12.01
C PHE A 56 -12.28 -8.51 -12.53
N GLY A 57 -12.37 -7.20 -12.71
CA GLY A 57 -13.61 -6.58 -13.15
C GLY A 57 -13.61 -5.09 -12.82
N GLU A 58 -14.80 -4.52 -12.69
CA GLU A 58 -14.93 -3.08 -12.46
C GLU A 58 -14.95 -2.77 -10.97
N VAL A 59 -14.71 -1.51 -10.65
CA VAL A 59 -14.85 -1.00 -9.29
C VAL A 59 -15.85 0.17 -9.33
N CYS A 60 -16.83 0.13 -8.43
CA CYS A 60 -17.85 1.17 -8.35
C CYS A 60 -17.92 1.78 -6.97
N SER A 61 -18.42 3.00 -6.90
CA SER A 61 -18.85 3.57 -5.63
C SER A 61 -20.32 3.23 -5.45
N GLY A 62 -20.76 3.24 -4.20
CA GLY A 62 -22.14 2.95 -3.89
C GLY A 62 -22.41 3.10 -2.40
N ARG A 63 -23.51 2.49 -1.97
CA ARG A 63 -23.96 2.58 -0.59
CA ARG A 63 -23.93 2.59 -0.59
C ARG A 63 -24.30 1.20 -0.07
N LEU A 64 -24.04 1.00 1.21
CA LEU A 64 -24.45 -0.23 1.87
C LEU A 64 -25.32 0.11 3.07
N LYS A 65 -26.47 -0.55 3.17
CA LYS A 65 -27.36 -0.40 4.33
C LYS A 65 -27.00 -1.51 5.32
N LEU A 66 -26.55 -1.10 6.49
CA LEU A 66 -26.12 -2.02 7.53
C LEU A 66 -27.33 -2.56 8.32
N PRO A 67 -27.10 -3.63 9.13
CA PRO A 67 -28.23 -4.23 9.88
C PRO A 67 -28.96 -3.25 10.81
N SER A 68 -28.23 -2.29 11.34
CA SER A 68 -28.76 -1.20 12.16
C SER A 68 -29.56 -0.15 11.36
N LYS A 69 -29.63 -0.33 10.04
CA LYS A 69 -30.25 0.62 9.09
C LYS A 69 -29.43 1.89 8.83
N LYS A 70 -28.18 1.92 9.29
CA LYS A 70 -27.28 3.02 8.95
C LYS A 70 -26.77 2.75 7.54
N GLU A 71 -26.65 3.81 6.75
CA GLU A 71 -26.16 3.70 5.39
C GLU A 71 -24.77 4.34 5.30
N ILE A 72 -23.85 3.62 4.67
CA ILE A 72 -22.46 4.07 4.56
C ILE A 72 -22.03 4.02 3.09
N SER A 73 -21.06 4.86 2.74
CA SER A 73 -20.44 4.81 1.43
C SER A 73 -19.48 3.64 1.35
N VAL A 74 -19.54 2.94 0.23
CA VAL A 74 -18.68 1.79 -0.02
C VAL A 74 -18.13 1.77 -1.45
N ALA A 75 -17.04 1.04 -1.62
CA ALA A 75 -16.56 0.64 -2.93
C ALA A 75 -17.03 -0.79 -3.15
N ILE A 76 -17.44 -1.05 -4.40
CA ILE A 76 -17.93 -2.36 -4.79
C ILE A 76 -17.10 -2.87 -5.96
N LYS A 77 -16.44 -4.00 -5.76
CA LYS A 77 -15.69 -4.66 -6.80
C LYS A 77 -16.46 -5.91 -7.25
N THR A 78 -16.60 -6.06 -8.56
CA THR A 78 -17.33 -7.19 -9.13
C THR A 78 -16.37 -8.13 -9.85
N LEU A 79 -16.66 -9.42 -9.79
CA LEU A 79 -15.95 -10.43 -10.58
C LEU A 79 -16.59 -10.47 -11.97
N LYS A 80 -15.77 -10.30 -13.00
CA LYS A 80 -16.28 -10.25 -14.38
C LYS A 80 -17.10 -11.49 -14.76
N VAL A 81 -18.08 -11.29 -15.63
CA VAL A 81 -18.89 -12.38 -16.15
C VAL A 81 -17.97 -13.35 -16.88
N GLY A 82 -18.19 -14.65 -16.69
CA GLY A 82 -17.41 -15.67 -17.40
C GLY A 82 -16.03 -15.88 -16.79
N TYR A 83 -15.92 -15.54 -15.51
CA TYR A 83 -14.69 -15.75 -14.76
C TYR A 83 -14.30 -17.21 -14.74
N THR A 84 -12.98 -17.46 -14.66
CA THR A 84 -12.44 -18.79 -14.43
C THR A 84 -12.46 -19.08 -12.94
N GLU A 85 -12.39 -20.35 -12.56
CA GLU A 85 -12.34 -20.74 -11.15
C GLU A 85 -11.09 -20.21 -10.45
N LYS A 86 -9.99 -20.12 -11.19
CA LYS A 86 -8.79 -19.48 -10.66
C LYS A 86 -9.03 -18.01 -10.34
N GLN A 87 -9.61 -17.27 -11.28
CA GLN A 87 -9.95 -15.86 -11.06
C GLN A 87 -10.85 -15.69 -9.82
N ARG A 88 -11.86 -16.54 -9.69
CA ARG A 88 -12.73 -16.49 -8.51
C ARG A 88 -11.95 -16.74 -7.20
N ARG A 89 -11.07 -17.75 -7.21
CA ARG A 89 -10.26 -18.06 -6.02
C ARG A 89 -9.33 -16.91 -5.65
N ASP A 90 -8.70 -16.30 -6.65
CA ASP A 90 -7.80 -15.17 -6.43
C ASP A 90 -8.56 -13.94 -5.93
N PHE A 91 -9.70 -13.67 -6.56
CA PHE A 91 -10.56 -12.55 -6.19
C PHE A 91 -10.98 -12.66 -4.73
N LEU A 92 -11.63 -13.78 -4.39
CA LEU A 92 -12.12 -14.00 -3.04
C LEU A 92 -11.00 -14.19 -2.02
N GLY A 93 -9.88 -14.77 -2.47
CA GLY A 93 -8.73 -15.00 -1.61
C GLY A 93 -8.16 -13.71 -1.05
N GLU A 94 -8.13 -12.68 -1.88
N GLU A 94 -8.10 -12.68 -1.89
CA GLU A 94 -7.65 -11.37 -1.48
CA GLU A 94 -7.67 -11.34 -1.45
C GLU A 94 -8.59 -10.74 -0.42
C GLU A 94 -8.59 -10.79 -0.37
N ALA A 95 -9.89 -10.98 -0.57
CA ALA A 95 -10.88 -10.59 0.42
C ALA A 95 -10.71 -11.37 1.74
N SER A 96 -10.38 -12.66 1.64
CA SER A 96 -10.18 -13.50 2.83
CA SER A 96 -10.19 -13.48 2.84
C SER A 96 -9.00 -12.98 3.66
N ILE A 97 -7.97 -12.46 2.99
CA ILE A 97 -6.82 -11.89 3.70
C ILE A 97 -7.21 -10.55 4.35
N MET A 98 -7.78 -9.66 3.55
CA MET A 98 -8.25 -8.35 4.03
C MET A 98 -9.15 -8.47 5.26
N GLY A 99 -10.09 -9.42 5.21
CA GLY A 99 -11.04 -9.64 6.30
C GLY A 99 -10.42 -10.07 7.62
N GLN A 100 -9.17 -10.51 7.58
CA GLN A 100 -8.47 -10.87 8.81
C GLN A 100 -8.03 -9.66 9.63
N PHE A 101 -8.02 -8.48 9.01
CA PHE A 101 -7.53 -7.26 9.65
C PHE A 101 -8.71 -6.36 9.97
N ASP A 102 -8.75 -5.90 11.21
CA ASP A 102 -9.68 -4.87 11.62
C ASP A 102 -8.86 -3.75 12.24
N HIS A 103 -8.50 -2.77 11.44
CA HIS A 103 -7.58 -1.72 11.87
C HIS A 103 -7.92 -0.43 11.11
N PRO A 104 -7.80 0.74 11.76
CA PRO A 104 -8.17 1.99 11.06
C PRO A 104 -7.33 2.33 9.84
N ASN A 105 -6.13 1.76 9.74
CA ASN A 105 -5.27 2.01 8.60
C ASN A 105 -5.08 0.83 7.65
N ILE A 106 -6.00 -0.12 7.72
CA ILE A 106 -6.10 -1.18 6.72
C ILE A 106 -7.53 -1.14 6.15
N ILE A 107 -7.64 -1.23 4.82
CA ILE A 107 -8.96 -1.09 4.18
C ILE A 107 -9.93 -2.09 4.80
N ARG A 108 -11.09 -1.58 5.23
CA ARG A 108 -12.12 -2.36 5.89
C ARG A 108 -12.98 -3.13 4.91
N LEU A 109 -13.06 -4.44 5.11
CA LEU A 109 -13.99 -5.27 4.34
C LEU A 109 -15.37 -5.24 5.00
N GLU A 110 -16.35 -4.69 4.31
CA GLU A 110 -17.74 -4.72 4.79
C GLU A 110 -18.40 -6.10 4.59
N GLY A 111 -18.06 -6.77 3.48
CA GLY A 111 -18.53 -8.13 3.25
C GLY A 111 -18.43 -8.52 1.80
N VAL A 112 -18.99 -9.67 1.47
CA VAL A 112 -18.98 -10.19 0.12
C VAL A 112 -20.37 -10.65 -0.30
N VAL A 113 -20.58 -10.72 -1.61
CA VAL A 113 -21.74 -11.38 -2.17
C VAL A 113 -21.25 -12.54 -3.03
N THR A 114 -21.56 -13.76 -2.62
CA THR A 114 -21.15 -14.96 -3.35
C THR A 114 -22.33 -15.85 -3.76
N LYS A 115 -23.42 -15.76 -3.01
CA LYS A 115 -24.62 -16.57 -3.28
C LYS A 115 -25.47 -16.07 -4.46
N SER A 116 -25.12 -14.92 -5.01
CA SER A 116 -25.66 -14.47 -6.29
C SER A 116 -24.49 -13.94 -7.11
N LYS A 117 -24.74 -13.73 -8.41
CA LYS A 117 -23.73 -13.27 -9.33
C LYS A 117 -24.22 -11.99 -10.04
N PRO A 118 -23.32 -11.04 -10.38
CA PRO A 118 -21.86 -11.07 -10.18
C PRO A 118 -21.43 -11.14 -8.72
N VAL A 119 -20.37 -11.90 -8.48
CA VAL A 119 -19.75 -12.01 -7.15
C VAL A 119 -19.15 -10.64 -6.82
N MET A 120 -19.27 -10.22 -5.56
CA MET A 120 -18.85 -8.87 -5.13
C MET A 120 -18.04 -8.85 -3.86
N ILE A 121 -17.13 -7.87 -3.81
CA ILE A 121 -16.40 -7.53 -2.59
C ILE A 121 -16.73 -6.07 -2.28
N VAL A 122 -17.17 -5.82 -1.05
CA VAL A 122 -17.62 -4.50 -0.62
C VAL A 122 -16.70 -3.99 0.49
N THR A 123 -16.09 -2.84 0.28
CA THR A 123 -15.11 -2.28 1.20
C THR A 123 -15.48 -0.83 1.53
N GLU A 124 -14.85 -0.26 2.56
CA GLU A 124 -15.08 1.16 2.88
C GLU A 124 -14.70 2.04 1.70
N TYR A 125 -15.44 3.12 1.49
CA TYR A 125 -15.17 4.04 0.39
C TYR A 125 -14.05 5.01 0.77
N MET A 126 -13.14 5.22 -0.15
CA MET A 126 -11.97 6.08 0.04
C MET A 126 -12.04 7.14 -1.05
N GLU A 127 -12.56 8.31 -0.68
CA GLU A 127 -13.00 9.32 -1.64
CA GLU A 127 -13.01 9.27 -1.71
C GLU A 127 -11.89 9.77 -2.61
N ASN A 128 -10.66 9.83 -2.09
CA ASN A 128 -9.52 10.38 -2.83
C ASN A 128 -8.68 9.34 -3.56
N GLY A 129 -9.15 8.09 -3.55
CA GLY A 129 -8.57 7.06 -4.41
C GLY A 129 -7.16 6.64 -4.05
N SER A 130 -6.38 6.26 -5.07
N SER A 130 -6.39 6.24 -5.07
CA SER A 130 -5.03 5.74 -4.88
CA SER A 130 -5.02 5.75 -4.86
C SER A 130 -4.04 6.86 -4.56
C SER A 130 -4.11 6.90 -4.47
N LEU A 131 -3.21 6.64 -3.55
CA LEU A 131 -2.35 7.70 -2.99
C LEU A 131 -1.38 8.32 -4.02
N ASP A 132 -0.75 7.50 -4.86
CA ASP A 132 0.18 8.02 -5.82
C ASP A 132 -0.49 8.96 -6.80
N SER A 133 -1.64 8.57 -7.34
N SER A 133 -1.63 8.55 -7.34
CA SER A 133 -2.37 9.43 -8.30
CA SER A 133 -2.40 9.40 -8.27
C SER A 133 -2.95 10.68 -7.63
C SER A 133 -2.86 10.69 -7.59
N PHE A 134 -3.35 10.56 -6.36
CA PHE A 134 -3.83 11.70 -5.60
C PHE A 134 -2.70 12.72 -5.40
N LEU A 135 -1.52 12.25 -5.00
CA LEU A 135 -0.40 13.20 -4.78
C LEU A 135 0.07 13.87 -6.08
N ARG A 136 0.04 13.14 -7.19
CA ARG A 136 0.43 13.72 -8.48
C ARG A 136 -0.47 14.88 -8.89
N LYS A 137 -1.72 14.87 -8.43
CA LYS A 137 -2.67 15.96 -8.71
C LYS A 137 -2.39 17.20 -7.85
N HIS A 138 -1.60 17.04 -6.80
CA HIS A 138 -1.40 18.05 -5.84
C HIS A 138 0.07 18.39 -5.52
N ASP A 139 0.89 18.31 -6.58
CA ASP A 139 2.33 18.47 -6.42
C ASP A 139 2.67 19.79 -5.62
N ALA A 140 3.41 19.61 -4.53
CA ALA A 140 3.85 20.66 -3.62
C ALA A 140 2.72 21.43 -2.89
N GLN A 141 1.52 20.86 -2.81
CA GLN A 141 0.38 21.58 -2.26
C GLN A 141 -0.01 21.23 -0.83
N PHE A 142 0.66 20.25 -0.22
CA PHE A 142 0.39 19.90 1.17
C PHE A 142 1.51 20.35 2.09
N THR A 143 1.20 20.51 3.37
CA THR A 143 2.22 20.83 4.36
C THR A 143 2.98 19.57 4.70
N VAL A 144 4.18 19.74 5.24
CA VAL A 144 4.98 18.58 5.65
C VAL A 144 4.22 17.78 6.73
N ILE A 145 3.53 18.45 7.64
CA ILE A 145 2.78 17.74 8.69
C ILE A 145 1.63 16.92 8.09
N GLN A 146 0.97 17.45 7.06
CA GLN A 146 -0.05 16.66 6.38
C GLN A 146 0.52 15.37 5.77
N LEU A 147 1.67 15.50 5.10
CA LEU A 147 2.34 14.36 4.49
C LEU A 147 2.76 13.36 5.57
N VAL A 148 3.29 13.86 6.68
CA VAL A 148 3.70 12.98 7.80
C VAL A 148 2.50 12.25 8.40
N GLY A 149 1.35 12.92 8.48
CA GLY A 149 0.11 12.29 8.89
C GLY A 149 -0.25 11.10 8.02
N MET A 150 -0.10 11.27 6.70
CA MET A 150 -0.37 10.18 5.75
C MET A 150 0.57 9.00 6.02
N LEU A 151 1.84 9.33 6.17
CA LEU A 151 2.90 8.33 6.35
C LEU A 151 2.74 7.56 7.68
N ARG A 152 2.31 8.26 8.71
CA ARG A 152 2.08 7.64 10.02
C ARG A 152 0.95 6.60 9.97
N GLY A 153 -0.14 6.94 9.27
CA GLY A 153 -1.23 6.00 9.04
C GLY A 153 -0.76 4.74 8.33
N ILE A 154 0.00 4.91 7.24
CA ILE A 154 0.50 3.76 6.48
C ILE A 154 1.36 2.89 7.43
N ALA A 155 2.25 3.53 8.17
CA ALA A 155 3.12 2.77 9.09
C ALA A 155 2.33 2.02 10.16
N SER A 156 1.26 2.64 10.66
CA SER A 156 0.45 2.02 11.71
CA SER A 156 0.44 2.02 11.70
C SER A 156 -0.28 0.80 11.16
N GLY A 157 -0.82 0.92 9.95
CA GLY A 157 -1.45 -0.23 9.29
C GLY A 157 -0.46 -1.39 9.10
N MET A 158 0.75 -1.05 8.66
CA MET A 158 1.80 -2.06 8.41
C MET A 158 2.27 -2.68 9.72
N LYS A 159 2.29 -1.90 10.79
CA LYS A 159 2.66 -2.46 12.08
C LYS A 159 1.67 -3.57 12.46
N TYR A 160 0.38 -3.30 12.24
CA TYR A 160 -0.63 -4.31 12.56
C TYR A 160 -0.50 -5.52 11.63
N LEU A 161 -0.38 -5.27 10.33
CA LEU A 161 -0.25 -6.35 9.34
C LEU A 161 0.91 -7.29 9.70
N SER A 162 2.03 -6.69 10.03
CA SER A 162 3.23 -7.44 10.43
C SER A 162 3.03 -8.17 11.77
N ASP A 163 2.39 -7.51 12.74
CA ASP A 163 1.97 -8.17 14.00
C ASP A 163 1.13 -9.42 13.76
N MET A 164 0.35 -9.40 12.69
CA MET A 164 -0.56 -10.50 12.37
C MET A 164 0.11 -11.62 11.57
N GLY A 165 1.39 -11.51 11.30
CA GLY A 165 2.14 -12.58 10.65
C GLY A 165 2.15 -12.59 9.14
N TYR A 166 1.77 -11.47 8.54
CA TYR A 166 1.73 -11.34 7.12
C TYR A 166 2.89 -10.54 6.59
N VAL A 167 3.33 -10.88 5.39
CA VAL A 167 4.17 -10.00 4.58
C VAL A 167 3.32 -9.56 3.40
N HIS A 168 3.26 -8.25 3.18
CA HIS A 168 2.42 -7.70 2.13
C HIS A 168 3.01 -7.98 0.75
N ARG A 169 4.30 -7.72 0.60
CA ARG A 169 5.02 -8.01 -0.65
C ARG A 169 4.77 -7.04 -1.81
N ASP A 170 3.87 -6.08 -1.63
CA ASP A 170 3.55 -5.11 -2.67
C ASP A 170 3.37 -3.67 -2.18
N LEU A 171 3.85 -3.40 -0.96
CA LEU A 171 3.73 -2.07 -0.39
C LEU A 171 4.29 -0.98 -1.31
N ALA A 172 3.38 -0.11 -1.75
CA ALA A 172 3.66 0.90 -2.74
C ALA A 172 2.56 1.95 -2.65
N ALA A 173 2.86 3.18 -3.07
CA ALA A 173 1.86 4.26 -2.98
C ALA A 173 0.58 3.93 -3.74
N ARG A 174 0.71 3.25 -4.87
CA ARG A 174 -0.43 2.83 -5.68
C ARG A 174 -1.36 1.85 -4.94
N ASN A 175 -0.84 1.21 -3.89
CA ASN A 175 -1.61 0.25 -3.09
C ASN A 175 -2.04 0.81 -1.73
N ILE A 176 -1.99 2.13 -1.60
CA ILE A 176 -2.53 2.83 -0.45
C ILE A 176 -3.70 3.66 -0.97
N LEU A 177 -4.83 3.58 -0.27
CA LEU A 177 -6.00 4.40 -0.60
C LEU A 177 -6.11 5.50 0.43
N ILE A 178 -6.67 6.64 0.02
CA ILE A 178 -6.75 7.80 0.90
C ILE A 178 -8.17 8.38 0.88
N ASN A 179 -8.72 8.71 2.05
CA ASN A 179 -10.10 9.12 2.15
C ASN A 179 -10.25 10.63 2.17
N SER A 180 -11.47 11.09 2.39
CA SER A 180 -11.76 12.53 2.31
C SER A 180 -11.01 13.36 3.35
N ASN A 181 -10.63 12.75 4.47
CA ASN A 181 -9.88 13.42 5.54
C ASN A 181 -8.38 13.11 5.50
N LEU A 182 -7.94 12.57 4.37
CA LEU A 182 -6.55 12.27 4.05
C LEU A 182 -5.98 11.10 4.85
N VAL A 183 -6.85 10.31 5.46
CA VAL A 183 -6.41 9.10 6.17
C VAL A 183 -6.04 8.04 5.12
N CYS A 184 -4.85 7.47 5.29
CA CYS A 184 -4.26 6.51 4.35
C CYS A 184 -4.39 5.10 4.90
N LYS A 185 -4.70 4.15 4.04
CA LYS A 185 -4.98 2.78 4.46
C LYS A 185 -4.39 1.80 3.46
N VAL A 186 -3.77 0.75 4.00
CA VAL A 186 -3.13 -0.27 3.21
C VAL A 186 -4.22 -1.10 2.49
N SER A 187 -4.00 -1.31 1.19
CA SER A 187 -4.91 -2.04 0.32
CA SER A 187 -4.92 -2.10 0.37
C SER A 187 -4.11 -3.06 -0.50
N ASP A 188 -4.79 -3.75 -1.40
CA ASP A 188 -4.22 -4.66 -2.39
C ASP A 188 -3.36 -5.79 -1.82
N PHE A 189 -4.05 -6.79 -1.33
CA PHE A 189 -3.43 -7.96 -0.72
C PHE A 189 -3.18 -9.08 -1.73
N GLY A 190 -3.10 -8.74 -3.01
CA GLY A 190 -2.87 -9.72 -4.08
C GLY A 190 -1.59 -10.52 -3.98
N LEU A 191 -0.53 -9.95 -3.41
CA LEU A 191 0.74 -10.66 -3.26
C LEU A 191 1.01 -11.05 -1.82
N SER A 192 0.11 -10.70 -0.91
CA SER A 192 0.36 -10.87 0.52
C SER A 192 0.35 -12.33 0.89
N ARG A 193 1.18 -12.70 1.85
CA ARG A 193 1.14 -14.05 2.40
C ARG A 193 1.54 -14.15 3.87
N VAL A 194 1.11 -15.24 4.49
CA VAL A 194 1.53 -15.56 5.84
C VAL A 194 3.00 -15.96 5.83
N LEU A 195 3.74 -15.52 6.84
CA LEU A 195 5.14 -15.88 6.97
C LEU A 195 5.21 -17.32 7.47
N GLU A 196 5.60 -18.23 6.58
CA GLU A 196 5.61 -19.65 6.91
C GLU A 196 6.65 -20.41 6.10
N ASP A 197 6.92 -21.65 6.52
CA ASP A 197 7.80 -22.56 5.79
C ASP A 197 7.21 -23.14 4.50
N ASP A 198 6.00 -22.71 4.13
CA ASP A 198 5.46 -23.04 2.80
C ASP A 198 6.14 -22.18 1.75
N GLY A 208 5.62 -15.77 -9.32
CA GLY A 208 4.98 -14.70 -10.09
C GLY A 208 5.87 -13.48 -10.23
N LYS A 209 5.39 -12.49 -10.98
CA LYS A 209 6.15 -11.24 -11.20
C LYS A 209 6.24 -10.48 -9.89
N ILE A 210 7.34 -9.76 -9.68
CA ILE A 210 7.50 -8.97 -8.46
C ILE A 210 7.58 -7.46 -8.75
N PRO A 211 7.14 -6.63 -7.79
CA PRO A 211 7.23 -5.17 -7.93
C PRO A 211 8.66 -4.73 -7.65
N ILE A 212 9.51 -4.94 -8.66
CA ILE A 212 10.96 -4.84 -8.50
C ILE A 212 11.40 -3.56 -7.81
N ARG A 213 10.91 -2.41 -8.29
CA ARG A 213 11.28 -1.10 -7.71
C ARG A 213 10.94 -0.91 -6.23
N TRP A 214 10.00 -1.71 -5.72
CA TRP A 214 9.55 -1.59 -4.33
C TRP A 214 10.13 -2.67 -3.44
N THR A 215 10.83 -3.62 -4.06
CA THR A 215 11.23 -4.85 -3.36
C THR A 215 12.66 -4.78 -2.82
N SER A 216 12.87 -5.36 -1.63
CA SER A 216 14.19 -5.30 -1.03
C SER A 216 15.23 -6.09 -1.84
N PRO A 217 16.49 -5.70 -1.71
CA PRO A 217 17.52 -6.42 -2.49
C PRO A 217 17.59 -7.93 -2.18
N GLU A 218 17.44 -8.31 -0.91
CA GLU A 218 17.45 -9.74 -0.56
C GLU A 218 16.21 -10.50 -1.07
N ALA A 219 15.06 -9.84 -1.16
CA ALA A 219 13.86 -10.46 -1.73
C ALA A 219 14.00 -10.63 -3.23
N ILE A 220 14.61 -9.65 -3.90
CA ILE A 220 14.97 -9.80 -5.32
C ILE A 220 15.99 -10.93 -5.55
N ALA A 221 16.99 -11.01 -4.69
CA ALA A 221 18.13 -11.90 -4.94
C ALA A 221 17.74 -13.36 -4.76
N TYR A 222 17.02 -13.65 -3.68
CA TYR A 222 16.67 -15.04 -3.38
C TYR A 222 15.33 -15.22 -2.63
N ARG A 223 14.39 -14.32 -2.87
CA ARG A 223 13.02 -14.44 -2.33
C ARG A 223 12.98 -14.44 -0.80
N LYS A 224 13.92 -13.75 -0.18
CA LYS A 224 13.90 -13.59 1.26
C LYS A 224 12.91 -12.50 1.64
N PHE A 225 11.65 -12.87 1.79
CA PHE A 225 10.58 -11.93 2.20
C PHE A 225 10.33 -12.06 3.69
N THR A 226 10.43 -10.93 4.39
CA THR A 226 10.22 -10.84 5.85
C THR A 226 9.53 -9.51 6.13
N SER A 227 9.12 -9.24 7.38
CA SER A 227 8.59 -7.91 7.68
CA SER A 227 8.60 -7.91 7.73
C SER A 227 9.63 -6.83 7.38
N ALA A 228 10.92 -7.15 7.52
CA ALA A 228 12.00 -6.21 7.14
C ALA A 228 12.06 -5.87 5.63
N SER A 229 11.59 -6.78 4.78
CA SER A 229 11.50 -6.46 3.35
C SER A 229 10.30 -5.54 3.12
N ASP A 230 9.23 -5.68 3.89
CA ASP A 230 8.13 -4.69 3.87
C ASP A 230 8.62 -3.32 4.35
N VAL A 231 9.52 -3.29 5.35
CA VAL A 231 10.08 -2.00 5.81
C VAL A 231 10.88 -1.31 4.69
N TRP A 232 11.65 -2.08 3.93
CA TRP A 232 12.30 -1.57 2.73
C TRP A 232 11.28 -0.87 1.82
N SER A 233 10.18 -1.57 1.53
CA SER A 233 9.13 -1.05 0.66
C SER A 233 8.51 0.22 1.25
N TYR A 234 8.34 0.22 2.56
CA TYR A 234 7.87 1.41 3.25
C TYR A 234 8.81 2.60 2.98
N GLY A 235 10.11 2.37 3.03
CA GLY A 235 11.08 3.42 2.68
C GLY A 235 10.81 3.98 1.29
N ILE A 236 10.49 3.10 0.33
CA ILE A 236 10.16 3.55 -1.02
C ILE A 236 8.86 4.40 -1.02
N VAL A 237 7.85 3.92 -0.31
CA VAL A 237 6.58 4.68 -0.17
C VAL A 237 6.84 6.07 0.44
N LEU A 238 7.69 6.09 1.44
CA LEU A 238 8.11 7.37 2.07
C LEU A 238 8.69 8.33 1.02
N TRP A 239 9.59 7.82 0.17
CA TRP A 239 10.12 8.60 -0.94
C TRP A 239 9.00 9.00 -1.91
N GLU A 240 8.13 8.08 -2.28
CA GLU A 240 7.01 8.41 -3.19
C GLU A 240 6.15 9.55 -2.66
N VAL A 241 5.83 9.49 -1.37
CA VAL A 241 4.98 10.50 -0.75
C VAL A 241 5.69 11.85 -0.73
N MET A 242 6.95 11.87 -0.29
CA MET A 242 7.69 13.15 -0.23
C MET A 242 8.00 13.73 -1.63
N SER A 243 7.92 12.86 -2.65
N SER A 243 7.92 12.87 -2.66
CA SER A 243 8.11 13.24 -4.06
CA SER A 243 8.10 13.29 -4.05
C SER A 243 6.78 13.50 -4.78
C SER A 243 6.76 13.43 -4.80
N TYR A 244 5.66 13.51 -4.04
CA TYR A 244 4.34 13.70 -4.61
C TYR A 244 4.03 12.73 -5.77
N GLY A 245 4.40 11.47 -5.58
CA GLY A 245 3.99 10.41 -6.48
C GLY A 245 4.86 10.25 -7.70
N GLU A 246 6.10 10.74 -7.63
CA GLU A 246 7.08 10.39 -8.64
C GLU A 246 7.31 8.87 -8.57
N ARG A 247 7.62 8.28 -9.72
CA ARG A 247 7.91 6.87 -9.79
C ARG A 247 9.27 6.57 -9.18
N PRO A 248 9.33 5.59 -8.26
CA PRO A 248 10.67 5.20 -7.78
C PRO A 248 11.62 4.84 -8.93
N TYR A 249 12.82 5.43 -8.90
CA TYR A 249 13.88 5.20 -9.88
C TYR A 249 13.46 5.69 -11.24
N TRP A 250 12.43 6.54 -11.28
CA TRP A 250 11.95 7.13 -12.53
C TRP A 250 11.71 6.02 -13.56
N GLU A 251 12.27 6.13 -14.76
CA GLU A 251 12.08 5.09 -15.78
C GLU A 251 13.34 4.26 -16.01
N MET A 252 14.20 4.15 -14.99
CA MET A 252 15.37 3.28 -15.08
C MET A 252 14.90 1.86 -15.37
N SER A 253 15.68 1.09 -16.11
CA SER A 253 15.31 -0.30 -16.36
C SER A 253 15.36 -1.05 -15.05
N ASN A 254 14.50 -2.05 -14.92
CA ASN A 254 14.48 -2.87 -13.72
C ASN A 254 15.86 -3.50 -13.45
N GLN A 255 16.58 -3.87 -14.51
CA GLN A 255 17.91 -4.49 -14.32
C GLN A 255 18.92 -3.52 -13.70
N ASP A 256 18.84 -2.25 -14.09
CA ASP A 256 19.68 -1.23 -13.51
C ASP A 256 19.27 -0.85 -12.10
N VAL A 257 17.96 -0.89 -11.82
CA VAL A 257 17.47 -0.70 -10.44
C VAL A 257 18.05 -1.77 -9.52
N ILE A 258 18.03 -3.01 -9.98
CA ILE A 258 18.55 -4.13 -9.20
C ILE A 258 20.06 -3.98 -8.98
N LYS A 259 20.80 -3.71 -10.05
CA LYS A 259 22.26 -3.57 -9.93
C LYS A 259 22.66 -2.36 -9.07
N ALA A 260 22.07 -1.19 -9.35
CA ALA A 260 22.42 0.02 -8.61
C ALA A 260 22.16 -0.13 -7.11
N VAL A 261 20.98 -0.61 -6.76
CA VAL A 261 20.62 -0.76 -5.34
C VAL A 261 21.56 -1.74 -4.65
N ASP A 262 21.81 -2.88 -5.29
CA ASP A 262 22.78 -3.84 -4.74
C ASP A 262 24.18 -3.21 -4.53
N GLU A 263 24.61 -2.32 -5.42
CA GLU A 263 25.90 -1.63 -5.32
C GLU A 263 25.94 -0.58 -4.22
N GLY A 264 24.76 -0.26 -3.67
CA GLY A 264 24.65 0.63 -2.53
C GLY A 264 24.07 1.99 -2.88
N TYR A 265 23.62 2.15 -4.12
CA TYR A 265 23.00 3.40 -4.53
C TYR A 265 21.56 3.50 -4.01
N ARG A 266 21.13 4.71 -3.70
CA ARG A 266 19.81 4.95 -3.16
C ARG A 266 19.17 6.15 -3.84
N LEU A 267 17.86 6.16 -3.83
CA LEU A 267 17.10 7.32 -4.34
C LEU A 267 17.54 8.56 -3.57
N PRO A 268 17.69 9.69 -4.27
CA PRO A 268 18.15 10.94 -3.65
C PRO A 268 17.04 11.67 -2.87
N PRO A 269 17.41 12.62 -2.01
CA PRO A 269 16.36 13.30 -1.26
C PRO A 269 15.39 14.04 -2.18
N PRO A 270 14.08 13.86 -1.95
CA PRO A 270 13.09 14.68 -2.63
C PRO A 270 13.29 16.18 -2.37
N MET A 271 12.81 17.03 -3.27
CA MET A 271 12.96 18.47 -3.10
C MET A 271 12.33 18.89 -1.78
N ASP A 272 13.07 19.68 -1.01
CA ASP A 272 12.62 20.23 0.26
C ASP A 272 12.28 19.15 1.27
N CYS A 273 12.96 18.01 1.19
CA CYS A 273 12.68 16.90 2.11
C CYS A 273 13.32 17.17 3.46
N PRO A 274 12.52 17.14 4.54
CA PRO A 274 13.15 17.22 5.86
C PRO A 274 14.23 16.15 6.07
N ALA A 275 15.35 16.56 6.67
CA ALA A 275 16.45 15.66 7.00
C ALA A 275 15.98 14.42 7.76
N ALA A 276 15.07 14.62 8.71
CA ALA A 276 14.55 13.52 9.51
C ALA A 276 13.95 12.44 8.62
N LEU A 277 13.23 12.86 7.59
CA LEU A 277 12.51 11.92 6.73
C LEU A 277 13.42 11.27 5.72
N TYR A 278 14.42 12.00 5.22
CA TYR A 278 15.40 11.35 4.34
C TYR A 278 16.20 10.30 5.10
N GLN A 279 16.60 10.63 6.33
CA GLN A 279 17.33 9.68 7.15
C GLN A 279 16.50 8.43 7.39
N LEU A 280 15.20 8.60 7.66
CA LEU A 280 14.30 7.45 7.82
C LEU A 280 14.26 6.55 6.56
N MET A 281 14.22 7.17 5.38
CA MET A 281 14.36 6.43 4.11
C MET A 281 15.64 5.59 4.10
N LEU A 282 16.77 6.22 4.42
CA LEU A 282 18.07 5.53 4.41
C LEU A 282 18.09 4.35 5.37
N ASP A 283 17.44 4.54 6.51
CA ASP A 283 17.37 3.52 7.55
C ASP A 283 16.50 2.35 7.06
N CYS A 284 15.38 2.67 6.43
CA CYS A 284 14.52 1.63 5.82
C CYS A 284 15.25 0.86 4.72
N TRP A 285 16.21 1.54 4.09
CA TRP A 285 16.98 0.98 2.98
C TRP A 285 18.34 0.44 3.41
N GLN A 286 18.52 0.11 4.69
CA GLN A 286 19.78 -0.53 5.10
C GLN A 286 19.99 -1.83 4.35
N LYS A 287 21.22 -2.05 3.88
CA LYS A 287 21.54 -3.27 3.16
C LYS A 287 21.26 -4.51 4.00
N ASP A 288 21.66 -4.46 5.27
CA ASP A 288 21.40 -5.53 6.23
C ASP A 288 19.99 -5.37 6.81
N ARG A 289 19.12 -6.31 6.49
CA ARG A 289 17.73 -6.22 6.92
C ARG A 289 17.56 -6.13 8.43
N ASN A 290 18.47 -6.76 9.18
CA ASN A 290 18.42 -6.68 10.64
C ASN A 290 18.69 -5.27 11.21
N ASN A 291 19.25 -4.38 10.40
CA ASN A 291 19.52 -2.99 10.83
C ASN A 291 18.39 -2.00 10.51
N ARG A 292 17.38 -2.45 9.77
CA ARG A 292 16.21 -1.63 9.47
C ARG A 292 15.36 -1.46 10.72
N PRO A 293 14.63 -0.34 10.83
CA PRO A 293 13.73 -0.20 11.97
C PRO A 293 12.55 -1.13 11.81
N LYS A 294 11.93 -1.50 12.93
CA LYS A 294 10.65 -2.20 12.91
C LYS A 294 9.54 -1.18 12.67
N PHE A 295 8.40 -1.66 12.19
CA PHE A 295 7.25 -0.78 11.99
C PHE A 295 6.86 0.00 13.24
N GLU A 296 6.93 -0.66 14.39
CA GLU A 296 6.64 0.03 15.65
C GLU A 296 7.57 1.24 15.87
N GLN A 297 8.83 1.08 15.51
CA GLN A 297 9.81 2.15 15.63
C GLN A 297 9.52 3.28 14.63
N ILE A 298 9.09 2.90 13.44
CA ILE A 298 8.73 3.89 12.41
C ILE A 298 7.56 4.74 12.90
N VAL A 299 6.54 4.08 13.47
CA VAL A 299 5.38 4.79 13.98
C VAL A 299 5.82 5.79 15.07
N SER A 300 6.66 5.33 15.98
N SER A 300 6.67 5.33 15.99
CA SER A 300 7.19 6.18 17.05
CA SER A 300 7.17 6.21 17.05
C SER A 300 7.96 7.40 16.52
C SER A 300 7.93 7.42 16.50
N ILE A 301 8.80 7.18 15.53
CA ILE A 301 9.57 8.25 14.88
C ILE A 301 8.65 9.31 14.29
N LEU A 302 7.63 8.86 13.58
CA LEU A 302 6.69 9.79 12.94
C LEU A 302 5.85 10.51 13.99
N ASP A 303 5.46 9.80 15.05
CA ASP A 303 4.70 10.41 16.15
C ASP A 303 5.48 11.55 16.78
N LYS A 304 6.80 11.37 16.93
CA LYS A 304 7.65 12.45 17.46
C LYS A 304 7.70 13.64 16.52
N LEU A 305 7.79 13.38 15.22
CA LEU A 305 7.83 14.48 14.25
C LEU A 305 6.51 15.25 14.27
N ILE A 306 5.40 14.55 14.43
CA ILE A 306 4.08 15.19 14.51
C ILE A 306 3.98 16.02 15.79
N ARG A 307 4.57 15.50 16.87
CA ARG A 307 4.52 16.10 18.22
C ARG A 307 5.45 17.30 18.33
N ASN A 308 6.52 17.29 17.52
CA ASN A 308 7.50 18.36 17.47
C ASN A 308 7.75 18.82 16.03
N PRO A 309 6.74 19.47 15.42
CA PRO A 309 6.75 19.82 14.00
C PRO A 309 7.91 20.73 13.57
N GLY A 310 8.47 21.49 14.51
CA GLY A 310 9.65 22.30 14.22
C GLY A 310 10.84 21.45 13.78
N SER A 311 10.88 20.20 14.22
CA SER A 311 11.96 19.29 13.79
C SER A 311 12.01 19.12 12.28
N LEU A 312 10.86 19.23 11.62
CA LEU A 312 10.77 19.06 10.17
C LEU A 312 11.37 20.21 9.38
N LYS A 313 11.75 21.30 10.05
CA LYS A 313 12.27 22.48 9.35
C LYS A 313 13.72 22.34 8.92
N ILE A 314 14.48 21.38 9.49
CA ILE A 314 15.84 21.12 9.01
C ILE A 314 15.69 20.31 7.70
N ILE A 315 16.11 20.90 6.58
CA ILE A 315 15.92 20.31 5.25
C ILE A 315 17.21 19.65 4.74
N THR A 316 17.07 18.58 3.95
CA THR A 316 18.21 17.97 3.28
C THR A 316 18.57 18.81 2.05
N ALA A 319 22.15 18.40 -3.51
CA ALA A 319 23.55 18.81 -3.52
C ALA A 319 24.28 18.25 -4.74
N ALA A 320 25.51 18.70 -4.95
CA ALA A 320 26.30 18.30 -6.13
C ALA A 320 26.72 16.85 -5.98
N ARG A 321 26.22 16.02 -6.90
CA ARG A 321 26.51 14.60 -6.93
C ARG A 321 27.12 14.27 -8.29
N PRO A 322 27.99 13.26 -8.33
CA PRO A 322 28.47 12.73 -9.60
C PRO A 322 27.45 11.79 -10.29
N SER A 323 26.40 11.37 -9.59
CA SER A 323 25.31 10.57 -10.19
C SER A 323 23.94 10.94 -9.64
N ASN A 324 22.89 10.47 -10.32
CA ASN A 324 21.52 10.78 -9.93
C ASN A 324 21.12 10.05 -8.65
N LEU A 325 21.34 8.75 -8.61
CA LEU A 325 21.23 8.01 -7.35
C LEU A 325 22.42 8.38 -6.48
N LEU A 326 22.23 8.28 -5.17
CA LEU A 326 23.25 8.62 -4.20
C LEU A 326 23.90 7.33 -3.68
N LEU A 327 25.22 7.29 -3.67
CA LEU A 327 25.91 6.12 -3.15
C LEU A 327 25.93 6.18 -1.63
N ASP A 328 25.05 5.38 -1.01
CA ASP A 328 24.85 5.32 0.45
C ASP A 328 23.55 6.01 0.83
N GLN B 2 5.35 3.25 -16.52
CA GLN B 2 4.75 2.42 -15.42
C GLN B 2 4.23 1.04 -15.88
N TRP B 3 4.57 0.58 -17.08
CA TRP B 3 4.08 -0.72 -17.55
C TRP B 3 4.86 -1.89 -16.94
N ASP B 4 6.13 -1.68 -16.64
CA ASP B 4 6.97 -2.71 -16.03
C ASP B 4 7.09 -2.60 -14.49
N ASN B 5 6.06 -2.08 -13.82
CA ASN B 5 6.02 -2.16 -12.35
C ASN B 5 6.24 -3.55 -11.79
N TYR B 6 5.60 -4.54 -12.42
CA TYR B 6 5.83 -5.94 -12.06
C TYR B 6 6.54 -6.64 -13.20
N GLU B 7 7.57 -7.40 -12.85
CA GLU B 7 8.35 -8.11 -13.86
C GLU B 7 9.05 -9.30 -13.24
N PTR B 8 9.46 -10.23 -14.09
CA PTR B 8 10.36 -11.29 -13.69
C PTR B 8 11.78 -10.77 -13.79
O PTR B 8 12.01 -9.66 -14.28
CB PTR B 8 10.17 -12.51 -14.59
CG PTR B 8 8.90 -13.27 -14.31
CD1 PTR B 8 8.75 -13.98 -13.12
CD2 PTR B 8 7.86 -13.28 -15.22
CE1 PTR B 8 7.59 -14.69 -12.86
CE2 PTR B 8 6.69 -13.99 -14.97
CZ PTR B 8 6.55 -14.70 -13.78
OH PTR B 8 5.55 -15.34 -13.47
P PTR B 8 4.22 -15.62 -14.37
O1P PTR B 8 3.29 -14.49 -14.21
O2P PTR B 8 3.56 -16.89 -13.80
O3P PTR B 8 4.51 -15.81 -15.88
N ILE B 9 12.73 -11.57 -13.34
CA ILE B 9 14.16 -11.27 -13.47
C ILE B 9 14.71 -12.21 -14.56
N TRP B 10 15.37 -11.63 -15.57
CA TRP B 10 15.76 -12.38 -16.77
C TRP B 10 17.19 -12.92 -16.67
MG MG C . -4.51 -0.28 -8.47
PG ANP D . -5.48 -0.14 -11.24
O1G ANP D . -4.94 0.64 -10.11
O2G ANP D . -4.33 -0.86 -12.14
O3G ANP D . -6.20 0.87 -12.26
PB ANP D . -6.22 -2.37 -9.68
O1B ANP D . -6.20 -3.76 -10.19
O2B ANP D . -4.81 -2.07 -8.98
N3B ANP D . -6.58 -1.30 -10.88
PA ANP D . -7.62 -0.97 -7.54
O1A ANP D . -7.82 -1.41 -6.14
O2A ANP D . -6.39 0.05 -7.68
O3A ANP D . -7.36 -2.26 -8.52
O5' ANP D . -8.91 -0.20 -8.16
C5' ANP D . -8.77 0.74 -9.22
C4' ANP D . -9.22 2.12 -8.79
O4' ANP D . -10.46 1.85 -8.11
C3' ANP D . -8.34 2.80 -7.72
O3' ANP D . -7.36 3.59 -8.34
C2' ANP D . -9.34 3.74 -7.10
O2' ANP D . -9.45 4.93 -7.92
C1' ANP D . -10.63 2.90 -7.15
N9 ANP D . -10.84 2.25 -5.84
C8 ANP D . -10.45 1.03 -5.43
N7 ANP D . -10.86 0.84 -4.18
C5 ANP D . -11.48 1.95 -3.79
C6 ANP D . -12.09 2.34 -2.60
N6 ANP D . -12.12 1.49 -1.55
N1 ANP D . -12.64 3.56 -2.56
C2 ANP D . -12.62 4.39 -3.61
N3 ANP D . -12.03 4.06 -4.76
C4 ANP D . -11.46 2.85 -4.85
#